data_4RMD
#
_entry.id   4RMD
#
_cell.length_a   65.971
_cell.length_b   65.971
_cell.length_c   112.347
_cell.angle_alpha   90.00
_cell.angle_beta   90.00
_cell.angle_gamma   90.00
#
_symmetry.space_group_name_H-M   'P 43 21 2'
#
loop_
_entity.id
_entity.type
_entity.pdbx_description
1 polymer 'Retinoic acid receptor RXR-alpha'
2 polymer 'Nuclear receptor coactivator 2'
3 non-polymer '(2E,4E,6Z,8E)-8-[3-cyclopropyl-2-(3-methylbutyl)cyclohex-2-en-1-ylidene]-3,7-dimethylocta-2,4,6-trienoic acid'
4 water water
#
loop_
_entity_poly.entity_id
_entity_poly.type
_entity_poly.pdbx_seq_one_letter_code
_entity_poly.pdbx_strand_id
1 'polypeptide(L)'
;EDMPVERILEAELAVEPKTETYVEANMGLNPSSPNDPVTNICQAADKQLFTLVEWAKRIPHFSELPLDDQVILLRAGWNE
LLIASFSHRSIAVKDGILLATGLHVHRNSAHSAGVGAIFDRVLTELVSKMRDMQMDKTELGCLRAIVLFNPDSKGLSNPA
EVEALREKVYASLEAYCKHKYPEQPGRFAKLLLRLPALRSIGLKCLEHLFFFKLIGDTPIDTFLMEMLEAPHQMT
;
A
2 'polypeptide(L)' KHKILHRLLQDSS B
#
# COMPACT_ATOMS: atom_id res chain seq x y z
N GLU A 1 -11.47 -16.19 -12.61
CA GLU A 1 -12.24 -15.79 -13.82
C GLU A 1 -11.86 -14.39 -14.29
N ASP A 2 -10.68 -14.29 -14.91
CA ASP A 2 -10.18 -13.03 -15.45
C ASP A 2 -9.47 -12.14 -14.44
N MET A 3 -8.28 -12.56 -14.00
CA MET A 3 -7.46 -11.79 -13.06
C MET A 3 -6.01 -12.22 -13.30
N PRO A 4 -5.46 -11.91 -14.48
CA PRO A 4 -4.09 -12.26 -14.86
C PRO A 4 -3.02 -11.45 -14.14
N VAL A 5 -2.05 -12.16 -13.58
CA VAL A 5 -0.96 -11.50 -12.86
C VAL A 5 -0.21 -10.53 -13.79
N GLU A 6 -0.27 -10.79 -15.09
CA GLU A 6 0.40 -9.92 -16.04
C GLU A 6 -0.15 -8.50 -15.98
N ARG A 7 -1.47 -8.38 -15.83
CA ARG A 7 -2.13 -7.08 -15.74
C ARG A 7 -1.78 -6.40 -14.43
N ILE A 8 -1.62 -7.20 -13.38
CA ILE A 8 -1.27 -6.65 -12.07
C ILE A 8 0.17 -6.14 -12.08
N LEU A 9 1.05 -6.86 -12.75
CA LEU A 9 2.44 -6.45 -12.86
C LEU A 9 2.50 -5.14 -13.66
N GLU A 10 1.71 -5.08 -14.73
CA GLU A 10 1.67 -3.89 -15.57
C GLU A 10 1.24 -2.68 -14.76
N ALA A 11 0.28 -2.87 -13.87
CA ALA A 11 -0.20 -1.79 -13.04
C ALA A 11 0.96 -1.28 -12.18
N GLU A 12 1.76 -2.19 -11.66
CA GLU A 12 2.91 -1.83 -10.84
C GLU A 12 3.96 -1.05 -11.63
N LEU A 13 4.33 -1.57 -12.80
CA LEU A 13 5.34 -0.92 -13.64
C LEU A 13 4.83 0.40 -14.22
N ALA A 14 3.52 0.52 -14.36
CA ALA A 14 2.91 1.73 -14.92
C ALA A 14 3.00 2.93 -13.97
N VAL A 15 2.85 2.68 -12.68
CA VAL A 15 2.88 3.77 -11.70
C VAL A 15 4.23 4.04 -11.02
N GLU A 16 5.22 3.19 -11.28
CA GLU A 16 6.52 3.41 -10.66
C GLU A 16 7.68 2.85 -11.47
N PRO A 17 8.44 3.74 -12.13
CA PRO A 17 9.59 3.37 -12.95
C PRO A 17 10.79 2.86 -12.14
N ASN A 35 14.28 20.03 7.45
CA ASN A 35 15.11 18.84 7.55
C ASN A 35 14.35 17.70 8.23
N ASP A 36 13.15 18.01 8.72
CA ASP A 36 12.33 17.02 9.41
C ASP A 36 11.90 15.93 8.42
N PRO A 37 12.41 14.71 8.61
CA PRO A 37 12.04 13.61 7.70
C PRO A 37 10.54 13.36 7.68
N VAL A 38 9.86 13.71 8.77
CA VAL A 38 8.42 13.52 8.86
C VAL A 38 7.69 14.35 7.80
N THR A 39 8.12 15.59 7.63
CA THR A 39 7.51 16.47 6.63
C THR A 39 7.70 15.86 5.23
N ASN A 40 8.92 15.40 4.95
CA ASN A 40 9.22 14.79 3.65
C ASN A 40 8.38 13.52 3.44
N ILE A 41 8.20 12.77 4.52
CA ILE A 41 7.40 11.56 4.43
C ILE A 41 5.95 11.94 4.11
N CYS A 42 5.41 12.93 4.81
CA CYS A 42 4.03 13.35 4.55
C CYS A 42 3.86 13.93 3.16
N GLN A 43 4.89 14.58 2.61
CA GLN A 43 4.78 15.14 1.27
C GLN A 43 4.78 14.02 0.23
N ALA A 44 5.61 13.01 0.46
CA ALA A 44 5.67 11.87 -0.45
C ALA A 44 4.33 11.12 -0.41
N ALA A 45 3.75 11.02 0.78
CA ALA A 45 2.47 10.31 0.93
C ALA A 45 1.37 10.97 0.09
N ASP A 46 1.26 12.30 0.21
CA ASP A 46 0.25 13.04 -0.54
C ASP A 46 0.44 12.81 -2.04
N LYS A 47 1.68 12.97 -2.49
CA LYS A 47 2.04 12.77 -3.89
C LYS A 47 1.62 11.38 -4.36
N GLN A 48 1.96 10.37 -3.57
CA GLN A 48 1.63 9.00 -3.96
C GLN A 48 0.15 8.66 -3.93
N LEU A 49 -0.66 9.43 -3.20
CA LEU A 49 -2.09 9.15 -3.18
C LEU A 49 -2.69 9.36 -4.57
N PHE A 50 -2.19 10.36 -5.29
CA PHE A 50 -2.71 10.59 -6.63
C PHE A 50 -2.35 9.43 -7.54
N THR A 51 -1.14 8.93 -7.38
CA THR A 51 -0.63 7.81 -8.16
C THR A 51 -1.35 6.51 -7.79
N LEU A 52 -1.75 6.40 -6.53
CA LEU A 52 -2.45 5.21 -6.07
C LEU A 52 -3.77 5.05 -6.81
N VAL A 53 -4.46 6.17 -7.06
CA VAL A 53 -5.72 6.10 -7.78
C VAL A 53 -5.50 5.56 -9.20
N GLU A 54 -4.42 5.99 -9.84
CA GLU A 54 -4.11 5.53 -11.19
C GLU A 54 -3.74 4.05 -11.17
N TRP A 55 -3.08 3.62 -10.10
CA TRP A 55 -2.71 2.22 -9.96
C TRP A 55 -3.96 1.36 -9.87
N ALA A 56 -4.85 1.72 -8.94
CA ALA A 56 -6.08 0.97 -8.74
C ALA A 56 -6.91 0.83 -10.00
N LYS A 57 -7.01 1.91 -10.76
CA LYS A 57 -7.78 1.90 -12.01
C LYS A 57 -7.23 0.87 -12.99
N ARG A 58 -5.95 0.51 -12.84
CA ARG A 58 -5.32 -0.47 -13.72
C ARG A 58 -5.48 -1.90 -13.21
N ILE A 59 -6.02 -2.06 -12.01
CA ILE A 59 -6.23 -3.39 -11.46
C ILE A 59 -7.54 -3.89 -12.05
N PRO A 60 -7.49 -5.05 -12.71
CA PRO A 60 -8.67 -5.66 -13.34
C PRO A 60 -9.93 -5.62 -12.50
N HIS A 61 -11.00 -5.09 -13.09
CA HIS A 61 -12.31 -5.02 -12.47
C HIS A 61 -12.55 -3.96 -11.40
N PHE A 62 -11.49 -3.32 -10.90
CA PHE A 62 -11.68 -2.30 -9.87
C PHE A 62 -12.60 -1.18 -10.35
N SER A 63 -12.34 -0.66 -11.55
CA SER A 63 -13.12 0.43 -12.13
C SER A 63 -14.57 0.08 -12.43
N GLU A 64 -14.87 -1.22 -12.52
CA GLU A 64 -16.22 -1.67 -12.80
C GLU A 64 -17.09 -1.66 -11.56
N LEU A 65 -16.47 -1.54 -10.40
CA LEU A 65 -17.21 -1.49 -9.14
C LEU A 65 -17.89 -0.13 -9.03
N PRO A 66 -19.00 -0.05 -8.28
CA PRO A 66 -19.64 1.27 -8.17
C PRO A 66 -18.68 2.28 -7.54
N LEU A 67 -18.75 3.51 -8.01
CA LEU A 67 -17.89 4.59 -7.52
C LEU A 67 -17.81 4.66 -6.00
N ASP A 68 -18.94 4.50 -5.32
CA ASP A 68 -18.95 4.57 -3.86
C ASP A 68 -18.10 3.47 -3.22
N ASP A 69 -18.07 2.28 -3.83
CA ASP A 69 -17.27 1.19 -3.28
C ASP A 69 -15.80 1.39 -3.63
N GLN A 70 -15.52 2.03 -4.76
CA GLN A 70 -14.13 2.31 -5.14
C GLN A 70 -13.55 3.26 -4.11
N VAL A 71 -14.38 4.21 -3.67
CA VAL A 71 -13.95 5.20 -2.68
C VAL A 71 -13.72 4.50 -1.34
N ILE A 72 -14.65 3.64 -0.94
CA ILE A 72 -14.52 2.92 0.32
C ILE A 72 -13.24 2.07 0.36
N LEU A 73 -12.99 1.32 -0.70
CA LEU A 73 -11.82 0.46 -0.74
C LEU A 73 -10.50 1.23 -0.66
N LEU A 74 -10.40 2.35 -1.37
CA LEU A 74 -9.17 3.13 -1.32
C LEU A 74 -9.01 3.84 0.03
N ARG A 75 -10.11 4.34 0.59
CA ARG A 75 -10.00 5.00 1.89
C ARG A 75 -9.63 4.01 2.97
N ALA A 76 -10.08 2.77 2.80
CA ALA A 76 -9.79 1.73 3.78
C ALA A 76 -8.38 1.17 3.68
N GLY A 77 -7.83 1.12 2.46
CA GLY A 77 -6.50 0.54 2.31
C GLY A 77 -5.32 1.41 1.87
N TRP A 78 -5.55 2.69 1.59
CA TRP A 78 -4.45 3.55 1.12
C TRP A 78 -3.16 3.49 1.94
N ASN A 79 -3.26 3.54 3.26
CA ASN A 79 -2.06 3.53 4.09
C ASN A 79 -1.27 2.23 3.94
N GLU A 80 -1.95 1.08 3.95
CA GLU A 80 -1.24 -0.19 3.79
C GLU A 80 -0.69 -0.30 2.36
N LEU A 81 -1.46 0.17 1.39
CA LEU A 81 -1.02 0.11 0.00
C LEU A 81 0.26 0.90 -0.23
N LEU A 82 0.33 2.09 0.35
CA LEU A 82 1.51 2.93 0.17
C LEU A 82 2.71 2.38 0.94
N ILE A 83 2.47 1.85 2.14
CA ILE A 83 3.55 1.30 2.95
C ILE A 83 4.19 0.09 2.24
N ALA A 84 3.35 -0.76 1.65
CA ALA A 84 3.87 -1.93 0.94
C ALA A 84 4.78 -1.46 -0.19
N SER A 85 4.34 -0.44 -0.92
CA SER A 85 5.12 0.10 -2.03
C SER A 85 6.46 0.71 -1.66
N PHE A 86 6.51 1.60 -0.67
CA PHE A 86 7.83 2.17 -0.34
C PHE A 86 8.72 1.16 0.36
N SER A 87 8.11 0.15 0.98
CA SER A 87 8.91 -0.87 1.66
C SER A 87 9.63 -1.72 0.61
N HIS A 88 8.90 -2.17 -0.42
CA HIS A 88 9.51 -3.00 -1.46
C HIS A 88 10.54 -2.21 -2.24
N ARG A 89 10.26 -0.93 -2.47
CA ARG A 89 11.16 -0.05 -3.20
C ARG A 89 12.51 0.08 -2.48
N SER A 90 12.50 -0.08 -1.16
CA SER A 90 13.70 0.07 -0.34
C SER A 90 14.53 -1.19 -0.07
N ILE A 91 14.16 -2.30 -0.68
CA ILE A 91 14.88 -3.54 -0.49
C ILE A 91 16.37 -3.41 -0.82
N ALA A 92 16.69 -2.52 -1.75
CA ALA A 92 18.08 -2.31 -2.14
C ALA A 92 18.82 -1.39 -1.18
N VAL A 93 18.06 -0.64 -0.38
CA VAL A 93 18.61 0.30 0.59
C VAL A 93 19.06 -0.39 1.87
N LYS A 94 20.22 0.01 2.38
CA LYS A 94 20.78 -0.56 3.60
C LYS A 94 19.84 -0.39 4.79
N ASP A 95 20.00 0.71 5.53
CA ASP A 95 19.15 0.99 6.68
C ASP A 95 18.38 2.28 6.46
N GLY A 96 17.50 2.28 5.47
CA GLY A 96 16.73 3.47 5.17
C GLY A 96 15.58 3.18 4.24
N ILE A 97 14.80 4.22 3.95
CA ILE A 97 13.67 4.09 3.04
C ILE A 97 13.79 5.11 1.92
N LEU A 98 13.48 4.67 0.70
CA LEU A 98 13.51 5.56 -0.46
C LEU A 98 12.10 6.09 -0.68
N LEU A 99 11.92 7.40 -0.57
CA LEU A 99 10.62 8.02 -0.79
C LEU A 99 10.36 8.19 -2.28
N ALA A 100 9.09 8.31 -2.66
CA ALA A 100 8.74 8.48 -4.07
C ALA A 100 9.28 9.78 -4.65
N THR A 101 9.54 10.74 -3.76
CA THR A 101 10.06 12.04 -4.15
C THR A 101 11.54 12.01 -4.50
N GLY A 102 12.15 10.83 -4.41
CA GLY A 102 13.56 10.70 -4.73
C GLY A 102 14.45 10.94 -3.52
N LEU A 103 13.84 11.15 -2.37
CA LEU A 103 14.56 11.40 -1.13
C LEU A 103 14.72 10.14 -0.30
N HIS A 104 15.81 10.05 0.43
CA HIS A 104 16.11 8.90 1.26
C HIS A 104 16.05 9.25 2.76
N VAL A 105 15.40 8.40 3.54
CA VAL A 105 15.33 8.65 4.97
C VAL A 105 16.13 7.54 5.65
N HIS A 106 17.22 7.92 6.31
CA HIS A 106 18.06 6.95 6.98
C HIS A 106 17.51 6.64 8.36
N ARG A 107 17.73 5.41 8.80
CA ARG A 107 17.28 4.97 10.12
C ARG A 107 17.67 5.99 11.21
N ASN A 108 18.91 6.47 11.14
CA ASN A 108 19.38 7.45 12.12
C ASN A 108 18.57 8.73 12.06
N SER A 109 18.19 9.14 10.85
CA SER A 109 17.41 10.36 10.67
C SER A 109 16.03 10.19 11.30
N ALA A 110 15.40 9.05 11.05
CA ALA A 110 14.08 8.79 11.60
C ALA A 110 14.16 8.80 13.13
N HIS A 111 15.17 8.15 13.68
CA HIS A 111 15.35 8.09 15.12
C HIS A 111 15.50 9.50 15.72
N SER A 112 16.33 10.32 15.09
CA SER A 112 16.56 11.68 15.58
C SER A 112 15.33 12.58 15.45
N ALA A 113 14.29 12.09 14.77
CA ALA A 113 13.06 12.86 14.60
C ALA A 113 11.96 12.36 15.52
N GLY A 114 12.28 11.35 16.33
CA GLY A 114 11.31 10.83 17.27
C GLY A 114 10.41 9.73 16.73
N VAL A 115 10.66 9.30 15.50
CA VAL A 115 9.84 8.24 14.90
C VAL A 115 10.66 6.99 14.62
N GLY A 116 11.63 6.72 15.48
CA GLY A 116 12.49 5.56 15.30
C GLY A 116 11.79 4.21 15.47
N ALA A 117 10.89 4.11 16.45
CA ALA A 117 10.18 2.86 16.73
C ALA A 117 9.43 2.31 15.52
N ILE A 118 8.56 3.13 14.93
CA ILE A 118 7.79 2.68 13.78
C ILE A 118 8.71 2.45 12.57
N PHE A 119 9.73 3.28 12.43
CA PHE A 119 10.67 3.13 11.32
C PHE A 119 11.32 1.75 11.39
N ASP A 120 11.79 1.37 12.58
CA ASP A 120 12.42 0.07 12.77
C ASP A 120 11.44 -1.08 12.47
N ARG A 121 10.17 -0.91 12.80
CA ARG A 121 9.18 -1.97 12.51
C ARG A 121 9.08 -2.17 11.01
N VAL A 122 9.08 -1.08 10.25
CA VAL A 122 9.00 -1.17 8.80
C VAL A 122 10.23 -1.89 8.22
N LEU A 123 11.42 -1.53 8.72
CA LEU A 123 12.65 -2.15 8.23
C LEU A 123 12.73 -3.63 8.58
N THR A 124 12.33 -3.98 9.80
CA THR A 124 12.42 -5.35 10.28
C THR A 124 11.29 -6.27 9.83
N GLU A 125 10.06 -5.80 9.95
CA GLU A 125 8.91 -6.62 9.60
C GLU A 125 8.54 -6.62 8.12
N LEU A 126 8.91 -5.57 7.39
CA LEU A 126 8.57 -5.52 5.98
C LEU A 126 9.76 -5.55 5.02
N VAL A 127 10.58 -4.50 5.03
CA VAL A 127 11.71 -4.43 4.12
C VAL A 127 12.68 -5.61 4.17
N SER A 128 13.15 -5.94 5.36
CA SER A 128 14.10 -7.04 5.51
C SER A 128 13.53 -8.38 5.05
N LYS A 129 12.25 -8.59 5.34
CA LYS A 129 11.58 -9.83 4.95
C LYS A 129 11.36 -9.89 3.45
N MET A 130 11.03 -8.75 2.85
CA MET A 130 10.83 -8.73 1.39
C MET A 130 12.18 -9.00 0.73
N ARG A 131 13.22 -8.40 1.28
CA ARG A 131 14.57 -8.59 0.74
C ARG A 131 15.04 -10.02 0.89
N ASP A 132 14.83 -10.60 2.07
CA ASP A 132 15.26 -11.97 2.33
C ASP A 132 14.62 -13.02 1.43
N MET A 133 13.35 -12.85 1.09
CA MET A 133 12.68 -13.82 0.23
C MET A 133 12.68 -13.37 -1.22
N GLN A 134 13.30 -12.22 -1.47
CA GLN A 134 13.37 -11.67 -2.82
C GLN A 134 11.97 -11.56 -3.44
N MET A 135 11.04 -10.96 -2.70
CA MET A 135 9.68 -10.79 -3.21
C MET A 135 9.80 -10.04 -4.54
N ASP A 136 9.13 -10.51 -5.58
CA ASP A 136 9.22 -9.80 -6.86
C ASP A 136 8.06 -8.84 -7.06
N LYS A 137 8.11 -8.03 -8.11
CA LYS A 137 7.07 -7.04 -8.37
C LYS A 137 5.68 -7.64 -8.59
N THR A 138 5.61 -8.81 -9.23
CA THR A 138 4.32 -9.44 -9.47
C THR A 138 3.68 -9.83 -8.14
N GLU A 139 4.50 -10.37 -7.25
CA GLU A 139 4.01 -10.77 -5.93
C GLU A 139 3.59 -9.55 -5.12
N LEU A 140 4.37 -8.49 -5.21
CA LEU A 140 4.06 -7.25 -4.50
C LEU A 140 2.71 -6.74 -5.02
N GLY A 141 2.59 -6.69 -6.34
CA GLY A 141 1.37 -6.24 -6.97
C GLY A 141 0.15 -7.02 -6.54
N CYS A 142 0.27 -8.34 -6.46
CA CYS A 142 -0.83 -9.19 -6.04
C CYS A 142 -1.19 -8.95 -4.58
N LEU A 143 -0.18 -8.80 -3.73
CA LEU A 143 -0.47 -8.55 -2.32
C LEU A 143 -1.21 -7.23 -2.17
N ARG A 144 -0.81 -6.20 -2.94
CA ARG A 144 -1.50 -4.91 -2.84
C ARG A 144 -2.93 -5.03 -3.38
N ALA A 145 -3.11 -5.85 -4.43
CA ALA A 145 -4.44 -6.03 -5.00
C ALA A 145 -5.33 -6.75 -3.99
N ILE A 146 -4.74 -7.63 -3.18
CA ILE A 146 -5.52 -8.34 -2.16
C ILE A 146 -5.96 -7.33 -1.08
N VAL A 147 -5.03 -6.47 -0.68
CA VAL A 147 -5.32 -5.44 0.31
C VAL A 147 -6.40 -4.48 -0.22
N LEU A 148 -6.29 -4.14 -1.49
CA LEU A 148 -7.26 -3.24 -2.13
C LEU A 148 -8.65 -3.84 -2.06
N PHE A 149 -8.77 -5.09 -2.48
CA PHE A 149 -10.05 -5.79 -2.47
C PHE A 149 -10.34 -6.31 -1.06
N ASN A 150 -10.50 -5.39 -0.11
CA ASN A 150 -10.78 -5.75 1.27
C ASN A 150 -12.29 -5.85 1.52
N PRO A 151 -12.82 -7.07 1.57
CA PRO A 151 -14.25 -7.30 1.79
C PRO A 151 -14.77 -6.89 3.16
N ASP A 152 -13.85 -6.65 4.10
CA ASP A 152 -14.25 -6.24 5.45
C ASP A 152 -14.48 -4.74 5.58
N SER A 153 -14.21 -4.00 4.51
CA SER A 153 -14.39 -2.56 4.52
C SER A 153 -15.85 -2.24 4.79
N LYS A 154 -16.09 -1.41 5.79
CA LYS A 154 -17.47 -1.05 6.16
C LYS A 154 -18.15 -0.16 5.12
N GLY A 155 -19.43 -0.40 4.87
CA GLY A 155 -20.16 0.42 3.92
C GLY A 155 -20.28 -0.11 2.50
N LEU A 156 -19.51 -1.16 2.20
CA LEU A 156 -19.53 -1.77 0.87
C LEU A 156 -20.96 -2.14 0.46
N SER A 157 -21.36 -1.75 -0.75
CA SER A 157 -22.71 -2.05 -1.22
C SER A 157 -22.85 -3.54 -1.50
N ASN A 158 -21.75 -4.17 -1.94
CA ASN A 158 -21.76 -5.60 -2.25
C ASN A 158 -20.44 -6.25 -1.84
N PRO A 159 -20.28 -6.57 -0.54
CA PRO A 159 -19.05 -7.20 -0.04
C PRO A 159 -18.70 -8.53 -0.71
N ALA A 160 -19.70 -9.32 -1.06
CA ALA A 160 -19.47 -10.62 -1.70
C ALA A 160 -18.69 -10.43 -3.01
N GLU A 161 -19.03 -9.37 -3.73
CA GLU A 161 -18.37 -9.06 -4.99
C GLU A 161 -16.90 -8.74 -4.77
N VAL A 162 -16.60 -7.98 -3.72
CA VAL A 162 -15.21 -7.63 -3.41
C VAL A 162 -14.46 -8.88 -2.98
N GLU A 163 -15.13 -9.72 -2.19
CA GLU A 163 -14.50 -10.95 -1.73
C GLU A 163 -14.17 -11.85 -2.92
N ALA A 164 -15.05 -11.85 -3.92
CA ALA A 164 -14.83 -12.68 -5.11
C ALA A 164 -13.57 -12.22 -5.84
N LEU A 165 -13.39 -10.91 -5.95
CA LEU A 165 -12.22 -10.36 -6.63
C LEU A 165 -10.94 -10.72 -5.87
N ARG A 166 -11.00 -10.60 -4.54
CA ARG A 166 -9.87 -10.94 -3.70
C ARG A 166 -9.46 -12.40 -3.94
N GLU A 167 -10.45 -13.29 -3.93
CA GLU A 167 -10.21 -14.71 -4.15
C GLU A 167 -9.55 -14.97 -5.50
N LYS A 168 -9.96 -14.23 -6.53
CA LYS A 168 -9.38 -14.41 -7.85
C LYS A 168 -7.93 -13.96 -7.85
N VAL A 169 -7.63 -12.94 -7.05
CA VAL A 169 -6.26 -12.45 -6.98
C VAL A 169 -5.36 -13.48 -6.30
N TYR A 170 -5.75 -13.99 -5.14
CA TYR A 170 -4.87 -14.94 -4.49
C TYR A 170 -4.80 -16.28 -5.20
N ALA A 171 -5.81 -16.59 -6.01
CA ALA A 171 -5.79 -17.83 -6.77
C ALA A 171 -4.69 -17.68 -7.83
N SER A 172 -4.68 -16.52 -8.49
CA SER A 172 -3.69 -16.23 -9.52
C SER A 172 -2.28 -16.10 -8.92
N LEU A 173 -2.21 -15.53 -7.73
CA LEU A 173 -0.92 -15.36 -7.06
C LEU A 173 -0.30 -16.72 -6.76
N GLU A 174 -1.12 -17.64 -6.24
CA GLU A 174 -0.61 -18.97 -5.90
C GLU A 174 -0.13 -19.69 -7.16
N ALA A 175 -0.90 -19.59 -8.24
CA ALA A 175 -0.52 -20.22 -9.50
C ALA A 175 0.84 -19.66 -9.93
N TYR A 176 0.99 -18.33 -9.86
CA TYR A 176 2.24 -17.68 -10.22
C TYR A 176 3.36 -18.29 -9.39
N CYS A 177 3.17 -18.33 -8.08
CA CYS A 177 4.16 -18.95 -7.20
C CYS A 177 3.99 -20.43 -7.55
N LYS A 178 4.93 -21.27 -7.15
CA LYS A 178 4.84 -22.70 -7.47
C LYS A 178 5.19 -22.97 -8.93
N HIS A 179 4.84 -22.06 -9.83
CA HIS A 179 5.19 -22.21 -11.22
C HIS A 179 6.49 -21.45 -11.44
N LYS A 180 6.60 -20.31 -10.76
CA LYS A 180 7.78 -19.45 -10.84
C LYS A 180 8.80 -19.91 -9.79
N TYR A 181 8.31 -20.34 -8.64
CA TYR A 181 9.18 -20.81 -7.56
C TYR A 181 8.72 -22.19 -7.08
N PRO A 182 8.76 -23.19 -7.97
CA PRO A 182 8.35 -24.55 -7.65
C PRO A 182 9.08 -25.13 -6.45
N GLU A 183 10.34 -24.74 -6.28
CA GLU A 183 11.14 -25.27 -5.18
C GLU A 183 10.85 -24.63 -3.82
N GLN A 184 9.88 -23.73 -3.78
CA GLN A 184 9.50 -23.07 -2.52
C GLN A 184 8.01 -23.22 -2.31
N PRO A 185 7.57 -24.41 -1.87
CA PRO A 185 6.14 -24.66 -1.64
C PRO A 185 5.46 -23.75 -0.62
N GLY A 186 6.21 -23.24 0.35
CA GLY A 186 5.62 -22.37 1.36
C GLY A 186 5.67 -20.89 1.02
N ARG A 187 6.08 -20.56 -0.20
CA ARG A 187 6.21 -19.16 -0.60
C ARG A 187 4.89 -18.39 -0.61
N PHE A 188 3.84 -19.00 -1.16
CA PHE A 188 2.53 -18.36 -1.22
C PHE A 188 2.05 -18.00 0.19
N ALA A 189 2.17 -18.94 1.12
CA ALA A 189 1.75 -18.68 2.50
C ALA A 189 2.63 -17.60 3.12
N LYS A 190 3.93 -17.66 2.86
CA LYS A 190 4.87 -16.68 3.40
C LYS A 190 4.49 -15.27 2.97
N LEU A 191 4.04 -15.11 1.72
CA LEU A 191 3.64 -13.81 1.22
C LEU A 191 2.39 -13.32 1.97
N LEU A 192 1.36 -14.17 2.06
CA LEU A 192 0.14 -13.78 2.76
C LEU A 192 0.40 -13.47 4.24
N LEU A 193 1.39 -14.15 4.81
CA LEU A 193 1.69 -13.94 6.22
C LEU A 193 2.42 -12.65 6.58
N ARG A 194 2.64 -11.77 5.60
CA ARG A 194 3.22 -10.48 5.91
C ARG A 194 2.06 -9.48 6.04
N LEU A 195 0.86 -9.92 5.69
CA LEU A 195 -0.32 -9.03 5.76
C LEU A 195 -0.71 -8.61 7.19
N PRO A 196 -0.53 -9.49 8.18
CA PRO A 196 -0.89 -9.07 9.55
C PRO A 196 0.05 -7.95 9.98
N ALA A 197 1.34 -8.10 9.64
CA ALA A 197 2.34 -7.10 9.98
C ALA A 197 2.01 -5.77 9.28
N LEU A 198 1.63 -5.86 8.00
CA LEU A 198 1.26 -4.68 7.23
C LEU A 198 0.07 -3.96 7.86
N ARG A 199 -0.90 -4.72 8.35
CA ARG A 199 -2.09 -4.18 8.99
C ARG A 199 -1.74 -3.42 10.29
N SER A 200 -0.90 -4.03 11.11
CA SER A 200 -0.47 -3.45 12.38
C SER A 200 0.35 -2.18 12.16
N ILE A 201 1.30 -2.25 11.24
CA ILE A 201 2.14 -1.10 10.94
C ILE A 201 1.28 0.00 10.34
N GLY A 202 0.35 -0.40 9.47
CA GLY A 202 -0.56 0.57 8.87
C GLY A 202 -1.35 1.35 9.90
N LEU A 203 -1.83 0.65 10.93
CA LEU A 203 -2.60 1.30 11.99
C LEU A 203 -1.77 2.27 12.83
N LYS A 204 -0.54 1.86 13.14
CA LYS A 204 0.36 2.71 13.90
C LYS A 204 0.70 3.98 13.13
N CYS A 205 0.92 3.85 11.82
CA CYS A 205 1.24 5.01 11.00
C CYS A 205 0.09 6.01 11.00
N LEU A 206 -1.14 5.51 10.98
CA LEU A 206 -2.31 6.40 11.02
C LEU A 206 -2.35 7.15 12.35
N GLU A 207 -2.05 6.44 13.44
CA GLU A 207 -2.04 7.08 14.75
C GLU A 207 -1.06 8.27 14.74
N HIS A 208 0.12 8.06 14.17
CA HIS A 208 1.12 9.12 14.09
C HIS A 208 0.58 10.30 13.30
N LEU A 209 -0.05 10.01 12.16
CA LEU A 209 -0.62 11.05 11.31
C LEU A 209 -1.67 11.87 12.03
N PHE A 210 -2.56 11.21 12.77
CA PHE A 210 -3.58 11.95 13.49
C PHE A 210 -2.96 12.82 14.57
N PHE A 211 -1.90 12.33 15.20
CA PHE A 211 -1.21 13.12 16.22
C PHE A 211 -0.56 14.36 15.58
N PHE A 212 0.09 14.17 14.43
CA PHE A 212 0.72 15.27 13.73
C PHE A 212 -0.31 16.33 13.38
N LYS A 213 -1.46 15.89 12.91
CA LYS A 213 -2.54 16.79 12.54
C LYS A 213 -3.04 17.57 13.77
N LEU A 214 -3.15 16.87 14.90
CA LEU A 214 -3.61 17.48 16.14
C LEU A 214 -2.63 18.52 16.66
N ILE A 215 -1.37 18.11 16.78
CA ILE A 215 -0.30 18.98 17.25
C ILE A 215 -0.10 20.19 16.38
N GLY A 216 -0.46 20.07 15.11
CA GLY A 216 -0.27 21.18 14.21
C GLY A 216 1.17 21.08 13.75
N ASP A 217 1.67 22.10 13.07
CA ASP A 217 3.04 22.04 12.58
C ASP A 217 2.99 20.84 11.63
N THR A 218 4.14 20.43 11.08
CA THR A 218 4.14 19.30 10.15
C THR A 218 3.03 19.51 9.11
N PRO A 219 3.36 20.17 7.99
CA PRO A 219 2.39 20.42 6.93
C PRO A 219 1.78 19.13 6.40
N ILE A 220 0.47 19.15 6.16
CA ILE A 220 -0.24 17.99 5.63
C ILE A 220 -1.04 18.48 4.42
N ASP A 221 -0.67 18.01 3.23
CA ASP A 221 -1.34 18.43 1.99
C ASP A 221 -2.80 17.98 1.90
N THR A 222 -3.51 18.54 0.92
CA THR A 222 -4.94 18.27 0.73
C THR A 222 -5.46 16.85 0.57
N PHE A 223 -4.77 16.01 -0.20
CA PHE A 223 -5.26 14.64 -0.40
C PHE A 223 -5.00 13.82 0.86
N LEU A 224 -3.83 13.98 1.45
CA LEU A 224 -3.51 13.26 2.67
C LEU A 224 -4.51 13.69 3.74
N MET A 225 -4.77 14.99 3.81
CA MET A 225 -5.71 15.55 4.78
C MET A 225 -7.11 14.96 4.57
N GLU A 226 -7.52 14.85 3.31
CA GLU A 226 -8.84 14.29 3.00
C GLU A 226 -8.96 12.86 3.52
N MET A 227 -7.87 12.10 3.44
CA MET A 227 -7.90 10.72 3.92
C MET A 227 -8.07 10.66 5.45
N LEU A 228 -7.73 11.76 6.12
CA LEU A 228 -7.86 11.81 7.57
C LEU A 228 -9.26 12.28 7.98
N GLU A 229 -10.09 12.63 7.01
CA GLU A 229 -11.46 13.07 7.28
C GLU A 229 -12.29 11.88 7.77
N ALA A 230 -13.37 12.18 8.48
CA ALA A 230 -14.26 11.15 9.00
C ALA A 230 -15.13 10.62 7.86
N PRO A 231 -15.47 9.32 7.90
CA PRO A 231 -15.08 8.36 8.94
C PRO A 231 -13.57 8.12 9.00
N LYS B 1 -18.53 14.83 0.84
CA LYS B 1 -17.19 14.55 1.42
C LYS B 1 -16.31 13.78 0.42
N HIS B 2 -15.01 13.76 0.71
CA HIS B 2 -14.03 13.06 -0.13
C HIS B 2 -14.03 13.60 -1.56
N LYS B 3 -14.03 14.93 -1.69
CA LYS B 3 -14.04 15.58 -3.00
C LYS B 3 -12.96 15.12 -3.98
N ILE B 4 -11.70 15.21 -3.55
CA ILE B 4 -10.56 14.84 -4.38
C ILE B 4 -10.60 13.42 -4.92
N LEU B 5 -10.80 12.45 -4.03
CA LEU B 5 -10.83 11.05 -4.45
C LEU B 5 -11.92 10.79 -5.49
N HIS B 6 -13.15 11.28 -5.26
CA HIS B 6 -14.24 11.09 -6.21
C HIS B 6 -13.86 11.64 -7.59
N ARG B 7 -13.38 12.88 -7.62
CA ARG B 7 -13.00 13.53 -8.88
C ARG B 7 -11.95 12.72 -9.63
N LEU B 8 -10.96 12.21 -8.91
CA LEU B 8 -9.90 11.43 -9.55
C LEU B 8 -10.37 10.08 -10.08
N LEU B 9 -11.28 9.44 -9.37
CA LEU B 9 -11.80 8.14 -9.80
C LEU B 9 -12.74 8.26 -11.00
N GLN B 10 -13.53 9.34 -11.02
CA GLN B 10 -14.48 9.57 -12.09
C GLN B 10 -13.82 9.96 -13.40
N ASP B 11 -12.84 10.87 -13.33
CA ASP B 11 -12.15 11.34 -14.52
C ASP B 11 -11.42 10.24 -15.26
#